data_1N14
#
_entry.id   1N14
#
loop_
_entity.id
_entity.type
_entity.pdbx_description
1 polymer "5'-D(*GP*CP*TP*AP*AP*GP*GP*AP*AP*AP*GP*CP*C)-3'"
2 polymer "5'-D(*GP*GP*CP*TP*TP*TP*CP*CP*TP*TP*AP*GP*C)-3'"
#
loop_
_entity_poly.entity_id
_entity_poly.type
_entity_poly.pdbx_seq_one_letter_code
_entity_poly.pdbx_strand_id
1 'polydeoxyribonucleotide' (DG)(DC)(DT)(DA)(DA)(DG)(DG)(DA)(DA)(DA)(DG)(DC)(DC) A
2 'polydeoxyribonucleotide' (DG)(DG)(DC)(DT)(DT)(DT)(DC)(DC)(DT)(DT)(DA)(DG)(DC) B
#